data_5SVE
#
_entry.id   5SVE
#
_cell.length_a   57.679
_cell.length_b   106.046
_cell.length_c   111.913
_cell.angle_alpha   90.00
_cell.angle_beta   90.00
_cell.angle_gamma   90.00
#
_symmetry.space_group_name_H-M   'P 21 21 21'
#
loop_
_entity.id
_entity.type
_entity.pdbx_description
1 polymer 'Serine/threonine-protein phosphatase 2B catalytic subunit alpha isoform'
2 polymer 'Calcineurin subunit B type 1'
3 polymer 'NFATc1 LxVP peptide'
4 non-polymer 'FE (III) ION'
5 non-polymer 'ZINC ION'
6 non-polymer 'CALCIUM ION'
7 water water
#
loop_
_entity_poly.entity_id
_entity_poly.type
_entity_poly.pdbx_seq_one_letter_code
_entity_poly.pdbx_strand_id
1 'polypeptide(L)'
;MSEPKAIDPKLSTTDRVVKAVPFPPSHRLTAKEVFDNDGKPRVDILKAHLMKEGRLEESVALRIITEGASILRQEKNLLD
IDAPVTVCGDIHGQFFDLMKLFEVGGSPANTRYLFLGDYVDRGYFSIECVLYLWALKILYPKTLFLLRGNHECRHLTEYF
TFKQECKIKYSERVYDACMDAFDCLPLAALMNQQFLCVHGGLSPEINTLDDIRKLDRFKEPPAYGPMCDILWSDPLEDFG
NEKTQEHFTHNTVRGCSYFYSYPAVCEFLQHNNLLSILRAHEAQDAGYRMYRKSQTTGFPSLITIFSAPNYLDVYNNKAA
VLKYENNVMNIRQFNCSPHPYWLPNFMDVFTWSLPFVGEKVTEMLVNVLN
;
A
2 'polypeptide(L)'
;MGNEASYPLEMCSHFDADEIKRLGKRFKKLDLDNSGSLSVEEFMSLPELQQNPLVQRVIDIFDTDGNGEVDFKEFIEGVS
QFSVKGDKEQKLRFAFRIYDMDKDGYISNGELFQVLKMMVGNNLKDTQLQQIVDKTIINADKDGDGRISFEEFCAVVGGL
DIHKKMVVDV
;
B
3 'polypeptide(L)' DDQYLAVPQHPYQWAKPK C
#
# COMPACT_ATOMS: atom_id res chain seq x y z
N LEU A 11 5.45 31.45 5.87
CA LEU A 11 5.83 30.05 5.96
C LEU A 11 6.73 29.67 4.79
N SER A 12 7.78 28.92 5.10
CA SER A 12 8.79 28.51 4.11
C SER A 12 8.19 27.64 3.00
N THR A 13 8.64 27.85 1.78
CA THR A 13 8.08 27.15 0.62
C THR A 13 8.97 25.99 0.17
N THR A 14 10.22 26.01 0.61
CA THR A 14 11.19 24.98 0.22
C THR A 14 11.35 23.89 1.29
N ASP A 15 11.73 24.30 2.49
CA ASP A 15 11.95 23.36 3.58
C ASP A 15 10.66 22.66 3.99
N ARG A 16 10.79 21.48 4.57
CA ARG A 16 9.63 20.71 5.01
C ARG A 16 8.89 21.43 6.14
N VAL A 17 7.57 21.43 6.05
CA VAL A 17 6.74 22.09 7.06
C VAL A 17 6.79 21.32 8.38
N VAL A 18 6.32 20.08 8.35
CA VAL A 18 6.31 19.25 9.54
C VAL A 18 7.65 18.53 9.70
N LYS A 19 8.63 19.22 10.27
CA LYS A 19 10.00 18.69 10.38
C LYS A 19 10.12 17.58 11.41
N ALA A 20 9.16 17.50 12.32
CA ALA A 20 9.16 16.47 13.35
C ALA A 20 8.97 15.08 12.75
N VAL A 21 8.39 15.03 11.56
CA VAL A 21 8.18 13.78 10.85
C VAL A 21 9.47 13.31 10.19
N PRO A 22 9.97 12.12 10.59
CA PRO A 22 11.22 11.56 10.08
C PRO A 22 11.21 11.38 8.56
N PHE A 23 12.26 11.88 7.91
CA PHE A 23 12.39 11.81 6.47
C PHE A 23 13.15 10.55 6.05
N PRO A 24 12.54 9.73 5.18
CA PRO A 24 13.15 8.47 4.72
C PRO A 24 14.51 8.68 4.07
N PRO A 25 15.54 7.97 4.57
CA PRO A 25 16.92 8.11 4.11
C PRO A 25 17.08 7.74 2.64
N SER A 26 17.86 8.52 1.90
CA SER A 26 18.10 8.28 0.50
C SER A 26 19.18 7.22 0.32
N HIS A 27 20.01 7.04 1.34
CA HIS A 27 21.10 6.06 1.28
C HIS A 27 20.58 4.64 1.15
N ARG A 28 21.21 3.87 0.26
CA ARG A 28 20.82 2.49 0.06
C ARG A 28 21.94 1.56 0.55
N LEU A 29 21.59 0.65 1.44
CA LEU A 29 22.57 -0.24 2.09
C LEU A 29 23.34 -1.06 1.07
N THR A 30 24.65 -1.15 1.27
CA THR A 30 25.51 -1.92 0.38
C THR A 30 25.65 -3.36 0.88
N ALA A 31 26.28 -4.21 0.09
CA ALA A 31 26.50 -5.60 0.47
C ALA A 31 27.42 -5.68 1.68
N LYS A 32 28.33 -4.71 1.79
CA LYS A 32 29.30 -4.68 2.88
C LYS A 32 28.64 -4.32 4.21
N GLU A 33 27.56 -3.53 4.13
CA GLU A 33 26.88 -3.07 5.33
C GLU A 33 25.89 -4.10 5.85
N VAL A 34 25.32 -4.89 4.95
CA VAL A 34 24.30 -5.88 5.33
C VAL A 34 24.92 -7.20 5.76
N PHE A 35 25.89 -7.68 4.99
CA PHE A 35 26.55 -8.95 5.29
C PHE A 35 27.92 -8.73 5.93
N ASP A 36 28.22 -9.51 6.97
CA ASP A 36 29.52 -9.41 7.61
C ASP A 36 30.56 -10.23 6.87
N ASN A 37 31.73 -10.40 7.48
CA ASN A 37 32.81 -11.14 6.84
C ASN A 37 32.50 -12.62 6.70
N ASP A 38 31.56 -13.11 7.50
CA ASP A 38 31.22 -14.54 7.51
C ASP A 38 30.01 -14.85 6.63
N GLY A 39 29.49 -13.84 5.95
CA GLY A 39 28.33 -14.02 5.09
C GLY A 39 27.02 -13.99 5.85
N LYS A 40 27.08 -13.62 7.11
CA LYS A 40 25.89 -13.51 7.94
C LYS A 40 25.23 -12.15 7.81
N PRO A 41 23.91 -12.12 7.58
CA PRO A 41 23.17 -10.86 7.49
C PRO A 41 22.97 -10.18 8.85
N ARG A 42 23.26 -8.89 8.92
CA ARG A 42 23.05 -8.12 10.14
C ARG A 42 21.59 -7.66 10.25
N VAL A 43 20.76 -8.52 10.84
CA VAL A 43 19.32 -8.25 10.88
C VAL A 43 18.96 -7.00 11.71
N ASP A 44 19.81 -6.65 12.67
CA ASP A 44 19.57 -5.44 13.46
C ASP A 44 19.74 -4.20 12.60
N ILE A 45 20.83 -4.15 11.84
CA ILE A 45 21.06 -3.08 10.89
C ILE A 45 19.92 -3.02 9.87
N LEU A 46 19.50 -4.19 9.42
CA LEU A 46 18.43 -4.29 8.43
C LEU A 46 17.10 -3.82 9.00
N LYS A 47 16.77 -4.27 10.21
CA LYS A 47 15.51 -3.90 10.87
C LYS A 47 15.34 -2.40 11.02
N ALA A 48 16.37 -1.74 11.58
CA ALA A 48 16.30 -0.31 11.85
C ALA A 48 16.18 0.51 10.56
N HIS A 49 16.94 0.12 9.54
CA HIS A 49 16.93 0.83 8.28
C HIS A 49 15.58 0.74 7.58
N LEU A 50 14.95 -0.43 7.66
CA LEU A 50 13.66 -0.66 7.01
C LEU A 50 12.54 0.10 7.70
N MET A 51 12.68 0.33 9.00
CA MET A 51 11.66 1.03 9.77
C MET A 51 11.67 2.52 9.46
N LYS A 52 12.77 2.99 8.87
CA LYS A 52 12.87 4.37 8.42
C LYS A 52 12.46 4.47 6.96
N GLU A 53 11.83 3.41 6.47
CA GLU A 53 11.45 3.27 5.06
C GLU A 53 12.66 3.36 4.13
N GLY A 54 13.83 3.01 4.65
CA GLY A 54 15.03 2.99 3.85
C GLY A 54 15.08 1.78 2.93
N ARG A 55 15.85 1.90 1.85
CA ARG A 55 15.95 0.80 0.89
C ARG A 55 17.39 0.30 0.78
N LEU A 56 17.56 -0.82 0.07
CA LEU A 56 18.87 -1.39 -0.16
C LEU A 56 19.24 -1.25 -1.64
N GLU A 57 20.49 -1.54 -1.96
CA GLU A 57 20.87 -1.67 -3.37
C GLU A 57 20.14 -2.85 -3.96
N GLU A 58 19.90 -2.81 -5.27
CA GLU A 58 19.17 -3.89 -5.92
C GLU A 58 19.89 -5.24 -5.79
N SER A 59 21.19 -5.23 -6.03
CA SER A 59 21.98 -6.46 -5.97
C SER A 59 21.95 -7.06 -4.57
N VAL A 60 21.92 -6.21 -3.56
CA VAL A 60 21.89 -6.67 -2.17
C VAL A 60 20.55 -7.33 -1.88
N ALA A 61 19.47 -6.68 -2.30
CA ALA A 61 18.12 -7.22 -2.15
C ALA A 61 17.98 -8.54 -2.89
N LEU A 62 18.55 -8.59 -4.09
CA LEU A 62 18.51 -9.81 -4.90
C LEU A 62 19.29 -10.94 -4.25
N ARG A 63 20.33 -10.59 -3.50
CA ARG A 63 21.15 -11.59 -2.85
C ARG A 63 20.43 -12.20 -1.64
N ILE A 64 19.69 -11.37 -0.91
CA ILE A 64 18.90 -11.86 0.22
C ILE A 64 17.81 -12.82 -0.26
N ILE A 65 17.16 -12.47 -1.37
CA ILE A 65 16.09 -13.28 -1.93
C ILE A 65 16.59 -14.61 -2.46
N THR A 66 17.65 -14.58 -3.26
CA THR A 66 18.17 -15.80 -3.89
C THR A 66 18.80 -16.77 -2.90
N GLU A 67 19.60 -16.26 -1.97
CA GLU A 67 20.24 -17.13 -0.98
C GLU A 67 19.20 -17.75 -0.06
N GLY A 68 18.16 -16.99 0.27
CA GLY A 68 17.06 -17.51 1.04
C GLY A 68 16.30 -18.58 0.26
N ALA A 69 16.16 -18.34 -1.04
CA ALA A 69 15.46 -19.28 -1.92
C ALA A 69 16.22 -20.60 -2.04
N SER A 70 17.55 -20.52 -2.05
CA SER A 70 18.38 -21.71 -2.15
C SER A 70 18.25 -22.57 -0.89
N ILE A 71 18.07 -21.91 0.25
CA ILE A 71 17.83 -22.60 1.50
C ILE A 71 16.46 -23.27 1.50
N LEU A 72 15.46 -22.53 1.02
CA LEU A 72 14.08 -23.01 0.99
C LEU A 72 13.90 -24.21 0.06
N ARG A 73 14.58 -24.20 -1.08
CA ARG A 73 14.39 -25.24 -2.08
C ARG A 73 15.10 -26.53 -1.69
N GLN A 74 15.93 -26.46 -0.65
CA GLN A 74 16.57 -27.66 -0.11
C GLN A 74 15.67 -28.31 0.94
N GLU A 75 14.52 -27.70 1.20
CA GLU A 75 13.60 -28.21 2.21
C GLU A 75 12.48 -29.03 1.58
N LYS A 76 11.87 -29.90 2.39
CA LYS A 76 10.81 -30.78 1.92
C LYS A 76 9.47 -30.05 1.85
N ASN A 77 8.53 -30.64 1.13
CA ASN A 77 7.16 -30.12 1.07
C ASN A 77 6.56 -30.06 2.47
N LEU A 78 6.79 -31.12 3.24
CA LEU A 78 6.27 -31.23 4.59
C LEU A 78 7.39 -31.15 5.61
N LEU A 79 7.50 -30.01 6.29
CA LEU A 79 8.57 -29.79 7.25
C LEU A 79 8.36 -30.61 8.52
N ASP A 80 9.46 -31.03 9.14
CA ASP A 80 9.40 -31.68 10.44
C ASP A 80 9.93 -30.75 11.52
N ILE A 81 9.03 -30.19 12.30
CA ILE A 81 9.39 -29.20 13.31
C ILE A 81 8.94 -29.66 14.70
N ASP A 82 9.85 -29.58 15.66
CA ASP A 82 9.53 -29.99 17.03
C ASP A 82 9.33 -28.79 17.96
N ALA A 83 8.53 -28.99 19.00
CA ALA A 83 8.32 -27.98 20.02
C ALA A 83 9.62 -27.77 20.81
N PRO A 84 9.82 -26.58 21.38
CA PRO A 84 8.93 -25.40 21.38
C PRO A 84 9.01 -24.60 20.09
N VAL A 85 7.89 -23.97 19.70
CA VAL A 85 7.84 -23.18 18.48
C VAL A 85 6.71 -22.16 18.56
N THR A 86 6.92 -20.99 17.94
CA THR A 86 5.89 -19.97 17.85
C THR A 86 5.29 -19.95 16.44
N VAL A 87 3.99 -20.25 16.36
CA VAL A 87 3.31 -20.34 15.06
C VAL A 87 2.59 -19.03 14.73
N CYS A 88 2.81 -18.52 13.52
CA CYS A 88 2.29 -17.22 13.13
C CYS A 88 1.42 -17.29 11.87
N GLY A 89 0.41 -16.42 11.80
CA GLY A 89 -0.49 -16.37 10.66
C GLY A 89 -0.18 -15.24 9.70
N ASP A 90 -1.22 -14.76 9.02
CA ASP A 90 -1.09 -13.73 7.99
C ASP A 90 -0.38 -12.47 8.46
N ILE A 91 0.53 -11.96 7.64
CA ILE A 91 1.20 -10.70 7.91
C ILE A 91 0.69 -9.63 6.96
N HIS A 92 0.51 -10.01 5.70
CA HIS A 92 0.00 -9.13 4.65
C HIS A 92 0.70 -7.76 4.61
N GLY A 93 2.02 -7.78 4.50
CA GLY A 93 2.80 -6.57 4.32
C GLY A 93 2.74 -5.56 5.45
N GLN A 94 2.28 -5.97 6.62
CA GLN A 94 2.24 -5.10 7.78
C GLN A 94 3.53 -5.21 8.57
N PHE A 95 4.58 -4.60 8.04
CA PHE A 95 5.93 -4.72 8.59
C PHE A 95 6.06 -4.22 10.03
N PHE A 96 5.44 -3.09 10.30
CA PHE A 96 5.58 -2.46 11.62
C PHE A 96 4.79 -3.22 12.68
N ASP A 97 3.88 -4.07 12.23
CA ASP A 97 3.19 -4.99 13.12
C ASP A 97 3.99 -6.27 13.28
N LEU A 98 4.78 -6.58 12.25
CA LEU A 98 5.67 -7.74 12.30
C LEU A 98 6.75 -7.54 13.35
N MET A 99 7.18 -6.29 13.49
CA MET A 99 8.18 -5.93 14.51
C MET A 99 7.63 -6.21 15.90
N LYS A 100 6.37 -5.86 16.11
CA LYS A 100 5.70 -6.12 17.38
C LYS A 100 5.50 -7.62 17.57
N LEU A 101 5.30 -8.34 16.47
CA LEU A 101 5.10 -9.79 16.51
C LEU A 101 6.32 -10.48 17.12
N PHE A 102 7.52 -10.06 16.73
CA PHE A 102 8.74 -10.67 17.19
C PHE A 102 9.05 -10.30 18.65
N GLU A 103 8.56 -9.15 19.10
CA GLU A 103 8.67 -8.78 20.50
C GLU A 103 7.79 -9.70 21.35
N VAL A 104 6.57 -9.93 20.88
CA VAL A 104 5.59 -10.72 21.61
C VAL A 104 5.90 -12.22 21.52
N GLY A 105 6.34 -12.67 20.35
CA GLY A 105 6.61 -14.08 20.12
C GLY A 105 7.98 -14.55 20.57
N GLY A 106 8.89 -13.60 20.83
CA GLY A 106 10.23 -13.94 21.26
C GLY A 106 11.28 -13.74 20.19
N SER A 107 12.51 -13.48 20.62
CA SER A 107 13.63 -13.25 19.70
C SER A 107 14.02 -14.51 18.95
N PRO A 108 14.13 -14.43 17.62
CA PRO A 108 14.51 -15.56 16.78
C PRO A 108 15.93 -16.06 17.07
N ALA A 109 16.68 -15.31 17.88
CA ALA A 109 18.02 -15.71 18.28
C ALA A 109 17.96 -16.88 19.27
N ASN A 110 16.79 -17.09 19.88
CA ASN A 110 16.59 -18.20 20.79
C ASN A 110 15.15 -18.70 20.80
N THR A 111 14.44 -18.46 19.70
CA THR A 111 13.06 -18.92 19.56
C THR A 111 12.84 -19.55 18.19
N ARG A 112 12.17 -20.69 18.18
CA ARG A 112 11.83 -21.37 16.93
C ARG A 112 10.54 -20.80 16.36
N TYR A 113 10.52 -20.54 15.06
CA TYR A 113 9.37 -19.88 14.43
C TYR A 113 8.78 -20.68 13.27
N LEU A 114 7.46 -20.56 13.12
CA LEU A 114 6.75 -21.13 11.99
C LEU A 114 5.72 -20.15 11.46
N PHE A 115 5.91 -19.69 10.23
CA PHE A 115 4.96 -18.79 9.58
C PHE A 115 4.11 -19.55 8.57
N LEU A 116 2.82 -19.23 8.50
CA LEU A 116 1.89 -19.99 7.69
C LEU A 116 1.58 -19.33 6.35
N GLY A 117 2.30 -18.26 6.02
CA GLY A 117 2.15 -17.64 4.72
C GLY A 117 1.43 -16.30 4.68
N ASP A 118 1.14 -15.83 3.47
CA ASP A 118 0.52 -14.53 3.23
C ASP A 118 1.35 -13.40 3.85
N TYR A 119 2.57 -13.23 3.33
CA TYR A 119 3.47 -12.19 3.80
C TYR A 119 3.27 -10.90 3.01
N VAL A 120 2.71 -11.01 1.81
CA VAL A 120 2.61 -9.87 0.91
C VAL A 120 1.16 -9.47 0.63
N ASP A 121 1.01 -8.42 -0.19
CA ASP A 121 -0.28 -7.87 -0.61
C ASP A 121 -1.05 -7.18 0.52
N ARG A 122 -1.93 -6.26 0.12
CA ARG A 122 -2.82 -5.50 1.01
C ARG A 122 -2.08 -4.47 1.87
N GLY A 123 -1.04 -4.90 2.57
CA GLY A 123 -0.20 -3.98 3.31
C GLY A 123 0.83 -3.34 2.41
N TYR A 124 1.21 -2.10 2.71
CA TYR A 124 2.11 -1.35 1.83
C TYR A 124 3.57 -1.45 2.26
N PHE A 125 3.90 -2.51 2.99
CA PHE A 125 5.29 -2.78 3.35
C PHE A 125 5.61 -4.25 3.11
N SER A 126 5.13 -4.78 2.00
CA SER A 126 5.28 -6.20 1.69
C SER A 126 6.71 -6.60 1.38
N ILE A 127 7.42 -5.74 0.63
CA ILE A 127 8.79 -6.06 0.24
C ILE A 127 9.73 -5.98 1.45
N GLU A 128 9.37 -5.18 2.45
CA GLU A 128 10.16 -5.10 3.67
C GLU A 128 9.94 -6.34 4.53
N CYS A 129 8.72 -6.88 4.48
CA CYS A 129 8.40 -8.12 5.19
C CYS A 129 9.21 -9.29 4.64
N VAL A 130 9.26 -9.39 3.31
CA VAL A 130 9.99 -10.48 2.66
C VAL A 130 11.49 -10.36 2.91
N LEU A 131 12.03 -9.18 2.66
CA LEU A 131 13.47 -8.94 2.81
C LEU A 131 13.96 -9.26 4.22
N TYR A 132 13.15 -8.95 5.22
CA TYR A 132 13.53 -9.18 6.61
C TYR A 132 13.39 -10.66 6.98
N LEU A 133 12.27 -11.25 6.60
CA LEU A 133 12.02 -12.67 6.88
C LEU A 133 13.02 -13.57 6.17
N TRP A 134 13.32 -13.25 4.91
CA TRP A 134 14.31 -14.00 4.15
C TRP A 134 15.69 -13.87 4.78
N ALA A 135 15.99 -12.68 5.29
CA ALA A 135 17.27 -12.44 5.97
C ALA A 135 17.37 -13.23 7.25
N LEU A 136 16.25 -13.35 7.97
CA LEU A 136 16.19 -14.15 9.19
C LEU A 136 16.37 -15.64 8.86
N LYS A 137 15.82 -16.05 7.71
CA LYS A 137 15.92 -17.43 7.26
C LYS A 137 17.38 -17.78 6.95
N ILE A 138 18.11 -16.81 6.41
CA ILE A 138 19.52 -16.99 6.09
C ILE A 138 20.34 -17.13 7.38
N LEU A 139 19.95 -16.36 8.40
CA LEU A 139 20.66 -16.36 9.68
C LEU A 139 20.28 -17.57 10.53
N TYR A 140 19.01 -17.93 10.52
CA TYR A 140 18.52 -19.07 11.31
C TYR A 140 17.87 -20.15 10.45
N PRO A 141 18.66 -20.81 9.60
CA PRO A 141 18.11 -21.75 8.60
C PRO A 141 17.44 -22.99 9.20
N LYS A 142 17.75 -23.33 10.45
CA LYS A 142 17.20 -24.54 11.05
C LYS A 142 16.23 -24.27 12.20
N THR A 143 15.97 -23.00 12.51
CA THR A 143 15.07 -22.66 13.60
C THR A 143 13.94 -21.71 13.20
N LEU A 144 14.07 -21.07 12.03
CA LEU A 144 12.98 -20.23 11.53
C LEU A 144 12.45 -20.80 10.23
N PHE A 145 11.13 -20.95 10.14
CA PHE A 145 10.53 -21.65 9.00
C PHE A 145 9.38 -20.88 8.36
N LEU A 146 9.33 -20.91 7.03
CA LEU A 146 8.32 -20.18 6.28
C LEU A 146 7.53 -21.13 5.37
N LEU A 147 6.21 -21.09 5.49
CA LEU A 147 5.35 -21.87 4.59
C LEU A 147 4.77 -20.96 3.52
N ARG A 148 4.23 -21.56 2.47
CA ARG A 148 3.62 -20.81 1.38
C ARG A 148 2.15 -20.51 1.66
N GLY A 149 1.75 -19.26 1.45
CA GLY A 149 0.34 -18.90 1.51
C GLY A 149 -0.20 -18.73 0.11
N ASN A 150 -1.50 -18.53 -0.03
CA ASN A 150 -2.10 -18.43 -1.35
C ASN A 150 -1.75 -17.12 -2.06
N HIS A 151 -1.19 -16.18 -1.31
CA HIS A 151 -0.79 -14.90 -1.89
C HIS A 151 0.63 -14.92 -2.42
N GLU A 152 1.40 -15.94 -2.04
CA GLU A 152 2.77 -16.08 -2.52
C GLU A 152 2.80 -16.73 -3.91
N CYS A 153 2.20 -16.03 -4.88
CA CYS A 153 2.14 -16.53 -6.25
C CYS A 153 2.08 -15.35 -7.23
N ARG A 154 2.13 -15.66 -8.52
CA ARG A 154 2.19 -14.63 -9.55
C ARG A 154 0.85 -13.93 -9.79
N HIS A 155 -0.24 -14.69 -9.72
CA HIS A 155 -1.56 -14.15 -10.06
C HIS A 155 -2.07 -13.13 -9.04
N LEU A 156 -2.01 -13.47 -7.76
CA LEU A 156 -2.55 -12.58 -6.73
C LEU A 156 -1.67 -11.35 -6.50
N THR A 157 -0.35 -11.52 -6.61
CA THR A 157 0.58 -10.42 -6.40
C THR A 157 0.48 -9.38 -7.52
N GLU A 158 0.02 -9.82 -8.69
CA GLU A 158 -0.18 -8.91 -9.81
C GLU A 158 -1.56 -8.28 -9.74
N TYR A 159 -2.53 -9.06 -9.25
CA TYR A 159 -3.90 -8.58 -9.12
C TYR A 159 -3.99 -7.52 -8.02
N PHE A 160 -3.26 -7.73 -6.93
CA PHE A 160 -3.26 -6.80 -5.81
C PHE A 160 -2.17 -5.73 -5.96
N THR A 161 -1.32 -5.60 -4.94
CA THR A 161 -0.38 -4.47 -4.92
C THR A 161 1.11 -4.85 -4.88
N PHE A 162 1.42 -6.11 -4.67
CA PHE A 162 2.82 -6.49 -4.46
C PHE A 162 3.70 -6.25 -5.69
N LYS A 163 3.18 -6.56 -6.87
CA LYS A 163 3.94 -6.33 -8.10
C LYS A 163 4.17 -4.83 -8.28
N GLN A 164 3.12 -4.06 -8.00
CA GLN A 164 3.20 -2.61 -8.07
C GLN A 164 4.23 -2.07 -7.08
N GLU A 165 4.23 -2.63 -5.87
CA GLU A 165 5.15 -2.20 -4.83
C GLU A 165 6.60 -2.41 -5.24
N CYS A 166 6.89 -3.52 -5.91
CA CYS A 166 8.24 -3.83 -6.36
C CYS A 166 8.71 -2.85 -7.44
N LYS A 167 7.79 -2.46 -8.32
CA LYS A 167 8.12 -1.53 -9.39
C LYS A 167 8.38 -0.12 -8.85
N ILE A 168 7.67 0.25 -7.78
CA ILE A 168 7.83 1.56 -7.16
C ILE A 168 9.08 1.65 -6.30
N LYS A 169 9.26 0.67 -5.41
CA LYS A 169 10.35 0.71 -4.44
C LYS A 169 11.67 0.16 -5.00
N TYR A 170 11.58 -0.75 -5.96
CA TYR A 170 12.77 -1.36 -6.53
C TYR A 170 12.66 -1.51 -8.05
N SER A 171 12.54 -2.77 -8.50
CA SER A 171 12.38 -3.03 -9.93
C SER A 171 11.61 -4.33 -10.13
N GLU A 172 11.24 -4.60 -11.38
CA GLU A 172 10.51 -5.82 -11.71
C GLU A 172 11.42 -7.05 -11.57
N ARG A 173 12.73 -6.83 -11.63
CA ARG A 173 13.70 -7.91 -11.41
C ARG A 173 13.56 -8.49 -10.01
N VAL A 174 13.43 -7.62 -9.02
CA VAL A 174 13.23 -8.04 -7.64
C VAL A 174 11.92 -8.84 -7.51
N TYR A 175 10.89 -8.38 -8.21
CA TYR A 175 9.61 -9.07 -8.21
C TYR A 175 9.75 -10.49 -8.77
N ASP A 176 10.46 -10.62 -9.88
CA ASP A 176 10.69 -11.94 -10.49
C ASP A 176 11.45 -12.85 -9.54
N ALA A 177 12.45 -12.30 -8.86
CA ALA A 177 13.24 -13.05 -7.90
C ALA A 177 12.37 -13.58 -6.77
N CYS A 178 11.45 -12.75 -6.29
CA CYS A 178 10.52 -13.15 -5.24
C CYS A 178 9.59 -14.26 -5.72
N MET A 179 9.14 -14.16 -6.97
CA MET A 179 8.25 -15.16 -7.54
C MET A 179 8.91 -16.53 -7.60
N ASP A 180 10.17 -16.56 -8.02
CA ASP A 180 10.93 -17.80 -8.06
C ASP A 180 11.17 -18.31 -6.65
N ALA A 181 11.34 -17.38 -5.72
CA ALA A 181 11.57 -17.72 -4.32
C ALA A 181 10.31 -18.29 -3.66
N PHE A 182 9.15 -17.78 -4.07
CA PHE A 182 7.89 -18.24 -3.51
C PHE A 182 7.58 -19.66 -3.93
N ASP A 183 8.08 -20.05 -5.11
CA ASP A 183 7.91 -21.42 -5.59
C ASP A 183 8.66 -22.42 -4.70
N CYS A 184 9.70 -21.94 -4.03
CA CYS A 184 10.54 -22.79 -3.19
C CYS A 184 9.97 -22.96 -1.79
N LEU A 185 8.95 -22.15 -1.46
CA LEU A 185 8.33 -22.22 -0.14
C LEU A 185 7.62 -23.55 0.10
N PRO A 186 7.97 -24.24 1.20
CA PRO A 186 7.29 -25.47 1.62
C PRO A 186 5.79 -25.27 1.78
N LEU A 187 5.01 -26.33 1.59
CA LEU A 187 3.56 -26.22 1.59
C LEU A 187 2.94 -26.48 2.96
N ALA A 188 3.63 -27.27 3.78
CA ALA A 188 3.08 -27.66 5.07
C ALA A 188 4.16 -28.06 6.07
N ALA A 189 3.77 -28.20 7.32
CA ALA A 189 4.69 -28.61 8.36
C ALA A 189 4.03 -29.58 9.34
N LEU A 190 4.77 -30.61 9.73
CA LEU A 190 4.35 -31.51 10.79
C LEU A 190 4.98 -31.04 12.09
N MET A 191 4.16 -30.53 13.01
CA MET A 191 4.68 -29.91 14.21
C MET A 191 4.50 -30.79 15.44
N ASN A 192 5.63 -31.15 16.06
CA ASN A 192 5.67 -31.97 17.28
C ASN A 192 4.95 -33.31 17.14
N GLN A 193 4.99 -33.86 15.93
CA GLN A 193 4.37 -35.17 15.64
C GLN A 193 2.87 -35.19 15.92
N GLN A 194 2.26 -34.02 16.09
CA GLN A 194 0.87 -33.95 16.51
C GLN A 194 0.01 -33.05 15.62
N PHE A 195 0.64 -32.03 15.04
CA PHE A 195 -0.12 -31.02 14.30
C PHE A 195 0.29 -30.93 12.83
N LEU A 196 -0.71 -30.88 11.96
CA LEU A 196 -0.48 -30.53 10.56
C LEU A 196 -0.70 -29.04 10.39
N CYS A 197 0.31 -28.35 9.86
CA CYS A 197 0.27 -26.90 9.73
C CYS A 197 0.28 -26.46 8.27
N VAL A 198 -0.82 -25.86 7.82
CA VAL A 198 -0.94 -25.36 6.46
C VAL A 198 -1.51 -23.94 6.48
N HIS A 199 -1.68 -23.34 5.30
CA HIS A 199 -2.25 -22.00 5.24
C HIS A 199 -3.77 -22.05 5.15
N GLY A 200 -4.28 -22.85 4.22
CA GLY A 200 -5.71 -22.93 3.99
C GLY A 200 -6.39 -24.06 4.74
N GLY A 201 -6.08 -25.30 4.38
CA GLY A 201 -6.69 -26.44 5.04
C GLY A 201 -6.49 -27.74 4.30
N LEU A 202 -7.55 -28.56 4.28
CA LEU A 202 -7.47 -29.92 3.75
C LEU A 202 -7.88 -30.01 2.28
N SER A 203 -7.87 -31.23 1.75
CA SER A 203 -8.16 -31.48 0.35
C SER A 203 -8.74 -32.87 0.15
N PRO A 204 -9.73 -33.00 -0.74
CA PRO A 204 -10.30 -34.30 -1.07
C PRO A 204 -9.27 -35.24 -1.68
N GLU A 205 -8.21 -34.67 -2.25
CA GLU A 205 -7.15 -35.46 -2.87
C GLU A 205 -5.94 -35.58 -1.96
N ILE A 206 -6.13 -35.33 -0.67
CA ILE A 206 -5.07 -35.49 0.32
C ILE A 206 -5.59 -36.23 1.56
N ASN A 207 -5.35 -37.54 1.59
CA ASN A 207 -5.86 -38.38 2.68
C ASN A 207 -4.77 -38.74 3.68
N THR A 208 -3.53 -38.70 3.23
CA THR A 208 -2.39 -38.98 4.11
C THR A 208 -1.34 -37.89 3.98
N LEU A 209 -0.42 -37.84 4.93
CA LEU A 209 0.64 -36.85 4.91
C LEU A 209 1.55 -37.04 3.70
N ASP A 210 1.64 -38.28 3.22
CA ASP A 210 2.52 -38.59 2.10
C ASP A 210 1.99 -38.03 0.80
N ASP A 211 0.68 -37.77 0.75
CA ASP A 211 0.07 -37.13 -0.41
C ASP A 211 0.62 -35.73 -0.60
N ILE A 212 1.05 -35.10 0.50
CA ILE A 212 1.67 -33.79 0.44
C ILE A 212 3.11 -33.91 -0.04
N ARG A 213 3.76 -35.00 0.34
CA ARG A 213 5.15 -35.23 -0.02
C ARG A 213 5.32 -35.54 -1.51
N LYS A 214 4.25 -36.01 -2.14
CA LYS A 214 4.30 -36.40 -3.55
C LYS A 214 4.06 -35.22 -4.48
N LEU A 215 3.65 -34.09 -3.93
CA LEU A 215 3.37 -32.91 -4.73
C LEU A 215 4.63 -32.29 -5.32
N ASP A 216 4.48 -31.59 -6.43
CA ASP A 216 5.56 -30.78 -7.00
C ASP A 216 5.25 -29.31 -6.75
N ARG A 217 5.88 -28.74 -5.72
CA ARG A 217 5.53 -27.40 -5.26
C ARG A 217 6.27 -26.30 -6.02
N PHE A 218 7.31 -26.66 -6.76
CA PHE A 218 8.14 -25.67 -7.43
C PHE A 218 7.49 -25.14 -8.70
N LYS A 219 6.38 -24.42 -8.55
CA LYS A 219 5.63 -23.87 -9.66
C LYS A 219 4.52 -22.94 -9.18
N GLU A 220 3.87 -22.27 -10.14
CA GLU A 220 2.65 -21.53 -9.85
C GLU A 220 1.57 -22.48 -9.36
N PRO A 221 0.88 -22.10 -8.28
CA PRO A 221 -0.26 -22.90 -7.81
C PRO A 221 -1.33 -23.03 -8.90
N PRO A 222 -1.78 -24.27 -9.17
CA PRO A 222 -2.80 -24.50 -10.21
C PRO A 222 -4.16 -23.96 -9.79
N ALA A 223 -5.08 -23.84 -10.75
CA ALA A 223 -6.42 -23.33 -10.46
C ALA A 223 -7.22 -24.34 -9.65
N TYR A 224 -6.84 -25.61 -9.76
CA TYR A 224 -7.46 -26.67 -8.98
C TYR A 224 -6.47 -27.80 -8.71
N GLY A 225 -6.76 -28.60 -7.71
CA GLY A 225 -5.89 -29.70 -7.32
C GLY A 225 -5.48 -29.62 -5.87
N PRO A 226 -4.68 -30.60 -5.41
CA PRO A 226 -4.21 -30.68 -4.02
C PRO A 226 -3.41 -29.45 -3.60
N MET A 227 -2.50 -29.00 -4.44
CA MET A 227 -1.65 -27.85 -4.13
C MET A 227 -2.48 -26.58 -3.98
N CYS A 228 -3.52 -26.45 -4.80
CA CYS A 228 -4.45 -25.33 -4.71
C CYS A 228 -5.23 -25.35 -3.39
N ASP A 229 -5.71 -26.53 -3.01
CA ASP A 229 -6.57 -26.68 -1.84
C ASP A 229 -5.87 -26.37 -0.52
N ILE A 230 -4.62 -26.83 -0.38
CA ILE A 230 -3.83 -26.56 0.82
C ILE A 230 -3.72 -25.06 1.09
N LEU A 231 -3.64 -24.28 0.02
CA LEU A 231 -3.44 -22.84 0.13
C LEU A 231 -4.75 -22.06 0.21
N TRP A 232 -5.85 -22.65 -0.26
CA TRP A 232 -7.08 -21.90 -0.47
C TRP A 232 -8.31 -22.32 0.35
N SER A 233 -8.38 -23.59 0.75
CA SER A 233 -9.60 -24.12 1.35
C SER A 233 -9.94 -23.50 2.72
N ASP A 234 -11.22 -23.44 3.02
CA ASP A 234 -11.72 -22.90 4.28
C ASP A 234 -12.62 -23.91 4.98
N PRO A 235 -12.75 -23.80 6.30
CA PRO A 235 -13.77 -24.58 7.00
C PRO A 235 -15.16 -24.01 6.72
N LEU A 236 -16.20 -24.83 6.85
CA LEU A 236 -17.57 -24.35 6.69
C LEU A 236 -17.91 -23.24 7.69
N GLU A 237 -18.92 -22.44 7.37
CA GLU A 237 -19.39 -21.40 8.27
C GLU A 237 -20.01 -22.02 9.53
N ASP A 238 -20.71 -23.14 9.35
CA ASP A 238 -21.32 -23.85 10.47
C ASP A 238 -20.49 -25.06 10.87
N PHE A 239 -19.18 -24.89 10.83
CA PHE A 239 -18.23 -25.96 11.17
C PHE A 239 -18.48 -26.52 12.57
N GLY A 240 -18.82 -27.81 12.63
CA GLY A 240 -19.14 -28.45 13.89
C GLY A 240 -20.62 -28.71 14.02
N ASN A 241 -21.42 -27.86 13.38
CA ASN A 241 -22.87 -27.98 13.40
C ASN A 241 -23.45 -28.29 12.03
N GLU A 242 -22.83 -29.22 11.32
CA GLU A 242 -23.25 -29.58 9.98
C GLU A 242 -24.62 -30.29 10.00
N LYS A 243 -25.28 -30.31 8.83
CA LYS A 243 -26.58 -30.94 8.70
C LYS A 243 -26.60 -31.91 7.53
N THR A 244 -26.43 -31.35 6.32
CA THR A 244 -26.37 -32.17 5.10
C THR A 244 -25.01 -32.86 5.00
N GLN A 245 -24.11 -32.48 5.90
CA GLN A 245 -22.79 -33.09 6.03
C GLN A 245 -21.91 -32.94 4.79
N GLU A 246 -21.65 -34.07 4.13
CA GLU A 246 -20.59 -34.20 3.13
C GLU A 246 -19.24 -33.90 3.77
N HIS A 247 -18.18 -33.91 2.97
CA HIS A 247 -16.85 -33.59 3.48
C HIS A 247 -16.33 -32.32 2.83
N PHE A 248 -16.38 -32.28 1.50
CA PHE A 248 -15.90 -31.13 0.76
C PHE A 248 -16.98 -30.61 -0.19
N THR A 249 -17.25 -29.31 -0.10
CA THR A 249 -18.22 -28.66 -0.97
C THR A 249 -17.55 -27.46 -1.65
N HIS A 250 -18.12 -27.00 -2.76
CA HIS A 250 -17.54 -25.88 -3.51
C HIS A 250 -17.49 -24.61 -2.68
N ASN A 251 -16.30 -24.03 -2.57
CA ASN A 251 -16.10 -22.80 -1.79
C ASN A 251 -16.55 -21.57 -2.59
N THR A 252 -17.78 -21.13 -2.33
CA THR A 252 -18.35 -20.01 -3.08
C THR A 252 -17.71 -18.68 -2.70
N VAL A 253 -17.11 -18.61 -1.52
CA VAL A 253 -16.49 -17.37 -1.05
C VAL A 253 -15.19 -17.09 -1.81
N ARG A 254 -14.40 -18.13 -2.06
CA ARG A 254 -13.13 -17.97 -2.75
C ARG A 254 -13.27 -18.08 -4.27
N GLY A 255 -14.33 -18.73 -4.72
CA GLY A 255 -14.55 -18.94 -6.14
C GLY A 255 -13.66 -20.05 -6.69
N CYS A 256 -13.07 -20.80 -5.77
CA CYS A 256 -12.21 -21.93 -6.11
C CYS A 256 -12.04 -22.81 -4.89
N SER A 257 -11.39 -23.96 -5.06
CA SER A 257 -11.13 -24.90 -3.98
C SER A 257 -12.41 -25.35 -3.26
N TYR A 258 -12.30 -25.67 -1.98
CA TYR A 258 -13.41 -26.30 -1.26
C TYR A 258 -13.69 -25.74 0.14
N PHE A 259 -14.87 -26.07 0.65
CA PHE A 259 -15.22 -25.95 2.06
C PHE A 259 -15.07 -27.32 2.70
N TYR A 260 -14.34 -27.42 3.81
CA TYR A 260 -14.25 -28.70 4.51
C TYR A 260 -15.03 -28.68 5.82
N SER A 261 -15.59 -29.84 6.17
CA SER A 261 -16.48 -29.96 7.32
C SER A 261 -15.81 -30.57 8.53
N TYR A 262 -16.52 -30.57 9.66
CA TYR A 262 -16.03 -31.17 10.89
C TYR A 262 -15.85 -32.70 10.79
N PRO A 263 -16.82 -33.42 10.20
CA PRO A 263 -16.55 -34.86 10.02
C PRO A 263 -15.38 -35.11 9.08
N ALA A 264 -15.11 -34.18 8.17
CA ALA A 264 -14.03 -34.32 7.21
C ALA A 264 -12.67 -34.27 7.89
N VAL A 265 -12.47 -33.27 8.73
CA VAL A 265 -11.18 -33.08 9.42
C VAL A 265 -10.96 -34.16 10.47
N CYS A 266 -12.02 -34.53 11.18
CA CYS A 266 -11.93 -35.56 12.21
C CYS A 266 -11.44 -36.89 11.65
N GLU A 267 -11.97 -37.27 10.49
CA GLU A 267 -11.53 -38.49 9.83
C GLU A 267 -10.06 -38.42 9.46
N PHE A 268 -9.64 -37.25 8.96
CA PHE A 268 -8.25 -37.03 8.59
C PHE A 268 -7.34 -37.16 9.80
N LEU A 269 -7.77 -36.60 10.92
CA LEU A 269 -7.01 -36.65 12.16
C LEU A 269 -6.87 -38.08 12.67
N GLN A 270 -7.94 -38.85 12.57
CA GLN A 270 -7.95 -40.23 13.07
C GLN A 270 -7.14 -41.15 12.17
N HIS A 271 -7.15 -40.86 10.87
CA HIS A 271 -6.47 -41.70 9.88
C HIS A 271 -4.96 -41.46 9.90
N ASN A 272 -4.55 -40.24 10.22
CA ASN A 272 -3.14 -39.87 10.20
C ASN A 272 -2.53 -39.74 11.60
N ASN A 273 -3.32 -40.09 12.61
CA ASN A 273 -2.87 -40.07 14.00
C ASN A 273 -2.37 -38.69 14.41
N LEU A 274 -3.16 -37.66 14.11
CA LEU A 274 -2.81 -36.30 14.45
C LEU A 274 -3.80 -35.72 15.46
N LEU A 275 -3.37 -34.69 16.19
CA LEU A 275 -4.17 -34.11 17.25
C LEU A 275 -5.06 -32.98 16.76
N SER A 276 -4.53 -32.13 15.90
CA SER A 276 -5.27 -30.98 15.40
C SER A 276 -4.65 -30.42 14.12
N ILE A 277 -5.30 -29.41 13.56
CA ILE A 277 -4.80 -28.74 12.37
C ILE A 277 -4.64 -27.24 12.61
N LEU A 278 -3.41 -26.74 12.41
CA LEU A 278 -3.12 -25.32 12.54
C LEU A 278 -3.12 -24.66 11.16
N ARG A 279 -3.96 -23.64 10.99
CA ARG A 279 -4.00 -22.91 9.73
C ARG A 279 -4.30 -21.43 9.95
N ALA A 280 -4.37 -20.68 8.85
CA ALA A 280 -4.61 -19.24 8.91
C ALA A 280 -5.71 -18.83 7.94
N HIS A 281 -5.33 -18.08 6.91
CA HIS A 281 -6.19 -17.82 5.74
C HIS A 281 -7.42 -16.94 6.00
N GLU A 282 -7.93 -16.94 7.23
CA GLU A 282 -9.13 -16.19 7.55
C GLU A 282 -8.94 -15.24 8.74
N ALA A 283 -9.29 -13.97 8.55
CA ALA A 283 -9.13 -12.96 9.59
C ALA A 283 -10.01 -13.25 10.81
N GLN A 284 -9.44 -13.02 11.99
CA GLN A 284 -10.19 -13.22 13.24
C GLN A 284 -10.12 -11.97 14.11
N ASP A 285 -11.25 -11.62 14.70
CA ASP A 285 -11.32 -10.43 15.55
C ASP A 285 -10.40 -10.58 16.77
N ALA A 286 -10.31 -11.80 17.28
CA ALA A 286 -9.48 -12.08 18.45
C ALA A 286 -8.06 -12.49 18.03
N GLY A 287 -7.85 -12.63 16.74
CA GLY A 287 -6.56 -13.06 16.23
C GLY A 287 -6.45 -14.57 16.13
N TYR A 288 -7.42 -15.25 16.73
CA TYR A 288 -7.47 -16.71 16.70
C TYR A 288 -8.90 -17.22 16.87
N ARG A 289 -9.09 -18.50 16.60
CA ARG A 289 -10.38 -19.15 16.83
C ARG A 289 -10.21 -20.63 17.15
N MET A 290 -10.85 -21.07 18.24
CA MET A 290 -10.85 -22.47 18.63
C MET A 290 -12.13 -23.15 18.17
N TYR A 291 -12.01 -24.08 17.22
CA TYR A 291 -13.17 -24.75 16.66
C TYR A 291 -13.58 -25.95 17.52
N ARG A 292 -14.58 -26.70 17.05
CA ARG A 292 -15.17 -27.78 17.84
C ARG A 292 -14.15 -28.87 18.20
N LYS A 293 -14.16 -29.26 19.47
CA LYS A 293 -13.29 -30.31 19.97
C LYS A 293 -13.65 -31.66 19.34
N SER A 294 -12.66 -32.52 19.19
CA SER A 294 -12.89 -33.87 18.67
C SER A 294 -13.50 -34.76 19.75
N GLN A 295 -14.43 -35.62 19.34
CA GLN A 295 -15.12 -36.50 20.28
C GLN A 295 -14.26 -37.71 20.68
N THR A 296 -12.95 -37.57 20.53
CA THR A 296 -12.02 -38.65 20.86
C THR A 296 -10.94 -38.16 21.82
N THR A 297 -10.55 -36.89 21.67
CA THR A 297 -9.46 -36.33 22.45
C THR A 297 -9.91 -35.21 23.38
N GLY A 298 -11.02 -34.57 23.03
CA GLY A 298 -11.50 -33.43 23.78
C GLY A 298 -10.68 -32.19 23.50
N PHE A 299 -9.84 -32.27 22.47
CA PHE A 299 -8.99 -31.18 22.06
C PHE A 299 -9.53 -30.58 20.76
N PRO A 300 -9.43 -29.24 20.61
CA PRO A 300 -9.86 -28.55 19.38
C PRO A 300 -9.29 -29.20 18.12
N SER A 301 -10.18 -29.56 17.19
CA SER A 301 -9.77 -30.24 15.96
C SER A 301 -9.22 -29.27 14.92
N LEU A 302 -9.46 -27.98 15.12
CA LEU A 302 -9.05 -26.97 14.16
C LEU A 302 -8.75 -25.63 14.84
N ILE A 303 -7.65 -25.01 14.45
CA ILE A 303 -7.25 -23.73 15.01
C ILE A 303 -6.86 -22.75 13.92
N THR A 304 -7.46 -21.55 13.95
CA THR A 304 -7.11 -20.50 13.00
C THR A 304 -6.27 -19.44 13.68
N ILE A 305 -5.10 -19.15 13.10
CA ILE A 305 -4.22 -18.12 13.65
C ILE A 305 -4.07 -16.97 12.66
N PHE A 306 -4.30 -15.74 13.14
CA PHE A 306 -4.21 -14.56 12.31
C PHE A 306 -3.31 -13.52 12.97
N SER A 307 -2.23 -13.15 12.29
CA SER A 307 -1.20 -12.32 12.91
C SER A 307 -1.15 -10.89 12.36
N ALA A 308 -2.23 -10.46 11.71
CA ALA A 308 -2.31 -9.09 11.21
C ALA A 308 -3.31 -8.28 12.01
N PRO A 309 -2.82 -7.45 12.94
CA PRO A 309 -3.70 -6.62 13.77
C PRO A 309 -4.24 -5.42 13.00
N ASN A 310 -5.47 -5.02 13.28
CA ASN A 310 -6.14 -3.93 12.57
C ASN A 310 -6.02 -4.13 11.07
N TYR A 311 -6.48 -5.28 10.61
CA TYR A 311 -6.39 -5.70 9.21
C TYR A 311 -6.91 -4.62 8.25
N LEU A 312 -6.06 -4.24 7.30
CA LEU A 312 -6.37 -3.21 6.31
C LEU A 312 -6.63 -1.84 6.94
N ASP A 313 -6.11 -1.65 8.16
CA ASP A 313 -6.30 -0.42 8.93
C ASP A 313 -7.77 -0.08 9.18
N VAL A 314 -8.64 -1.07 9.08
CA VAL A 314 -10.08 -0.84 9.19
C VAL A 314 -10.77 -1.85 10.13
N TYR A 315 -10.33 -3.10 10.08
CA TYR A 315 -10.96 -4.17 10.86
C TYR A 315 -10.90 -3.96 12.37
N ASN A 316 -9.85 -3.27 12.84
CA ASN A 316 -9.64 -3.01 14.27
C ASN A 316 -9.63 -4.31 15.10
N ASN A 317 -9.07 -5.36 14.52
CA ASN A 317 -8.99 -6.65 15.19
C ASN A 317 -7.67 -6.82 15.93
N LYS A 318 -7.66 -7.72 16.90
CA LYS A 318 -6.42 -8.10 17.56
C LYS A 318 -5.74 -9.19 16.74
N ALA A 319 -4.42 -9.27 16.83
CA ALA A 319 -3.68 -10.36 16.21
C ALA A 319 -3.20 -11.31 17.29
N ALA A 320 -2.68 -12.46 16.88
CA ALA A 320 -2.23 -13.46 17.84
C ALA A 320 -1.15 -14.35 17.27
N VAL A 321 -0.35 -14.94 18.15
CA VAL A 321 0.59 -15.97 17.79
C VAL A 321 0.42 -17.14 18.76
N LEU A 322 0.75 -18.35 18.30
CA LEU A 322 0.58 -19.54 19.11
C LEU A 322 1.93 -20.03 19.61
N LYS A 323 2.17 -19.86 20.91
CA LYS A 323 3.45 -20.26 21.51
C LYS A 323 3.31 -21.59 22.23
N TYR A 324 3.79 -22.65 21.59
CA TYR A 324 3.63 -24.01 22.10
C TYR A 324 4.90 -24.50 22.80
N GLU A 325 4.88 -24.50 24.13
CA GLU A 325 6.04 -24.90 24.91
C GLU A 325 5.61 -25.55 26.23
N ASN A 326 6.42 -26.50 26.70
CA ASN A 326 6.16 -27.23 27.94
C ASN A 326 4.78 -27.86 27.97
N ASN A 327 4.38 -28.44 26.85
CA ASN A 327 3.06 -29.05 26.69
C ASN A 327 1.93 -28.05 26.95
N VAL A 328 2.23 -26.77 26.75
CA VAL A 328 1.24 -25.72 26.92
C VAL A 328 1.08 -24.91 25.63
N MET A 329 -0.14 -24.83 25.13
CA MET A 329 -0.44 -24.04 23.93
C MET A 329 -0.99 -22.68 24.33
N ASN A 330 -0.09 -21.70 24.49
CA ASN A 330 -0.50 -20.37 24.90
C ASN A 330 -0.61 -19.41 23.72
N ILE A 331 -1.72 -18.66 23.69
CA ILE A 331 -1.98 -17.71 22.63
C ILE A 331 -1.66 -16.29 23.08
N ARG A 332 -0.68 -15.66 22.43
CA ARG A 332 -0.32 -14.30 22.74
C ARG A 332 -1.02 -13.32 21.80
N GLN A 333 -2.06 -12.66 22.29
CA GLN A 333 -2.71 -11.59 21.54
C GLN A 333 -1.88 -10.32 21.57
N PHE A 334 -2.04 -9.48 20.56
CA PHE A 334 -1.39 -8.17 20.55
C PHE A 334 -2.09 -7.21 19.59
N ASN A 335 -1.96 -5.92 19.86
CA ASN A 335 -2.62 -4.88 19.07
C ASN A 335 -1.72 -4.31 17.99
N CYS A 336 -2.27 -3.40 17.19
CA CYS A 336 -1.53 -2.84 16.05
C CYS A 336 -0.52 -1.78 16.49
N SER A 337 0.43 -1.49 15.62
CA SER A 337 1.46 -0.50 15.88
C SER A 337 1.43 0.58 14.80
N PRO A 338 1.89 1.80 15.13
CA PRO A 338 1.95 2.90 14.17
C PRO A 338 2.79 2.57 12.94
N HIS A 339 2.34 3.00 11.77
CA HIS A 339 3.10 2.82 10.53
C HIS A 339 2.92 4.03 9.60
N PRO A 340 3.99 4.39 8.87
CA PRO A 340 3.99 5.48 7.89
C PRO A 340 2.83 5.38 6.90
N TYR A 341 2.27 6.53 6.55
CA TYR A 341 1.05 6.55 5.74
C TYR A 341 1.32 6.39 4.25
N TRP A 342 0.45 5.63 3.60
CA TRP A 342 0.44 5.48 2.16
C TRP A 342 -0.98 5.71 1.65
N LEU A 343 -1.11 6.43 0.55
CA LEU A 343 -2.39 6.51 -0.14
C LEU A 343 -2.67 5.17 -0.79
N PRO A 344 -3.95 4.79 -0.89
CA PRO A 344 -4.39 3.55 -1.54
C PRO A 344 -3.67 3.28 -2.86
N ASN A 345 -3.12 2.07 -2.99
CA ASN A 345 -2.40 1.64 -4.19
C ASN A 345 -1.21 2.52 -4.55
N PHE A 346 -0.50 3.00 -3.52
CA PHE A 346 0.72 3.79 -3.68
C PHE A 346 0.53 5.03 -4.56
N MET A 347 -0.67 5.61 -4.52
CA MET A 347 -0.97 6.77 -5.35
C MET A 347 -0.22 8.01 -4.84
N ASP A 348 0.48 8.68 -5.75
CA ASP A 348 1.21 9.90 -5.41
C ASP A 348 0.25 11.08 -5.31
N VAL A 349 0.68 12.15 -4.64
CA VAL A 349 -0.21 13.28 -4.35
C VAL A 349 -0.57 14.08 -5.61
N PHE A 350 0.30 14.09 -6.61
CA PHE A 350 0.00 14.80 -7.85
C PHE A 350 -1.18 14.14 -8.54
N THR A 351 -1.12 12.82 -8.67
CA THR A 351 -2.19 12.05 -9.28
C THR A 351 -3.47 12.14 -8.45
N TRP A 352 -3.31 12.23 -7.14
CA TRP A 352 -4.45 12.34 -6.23
C TRP A 352 -5.14 13.70 -6.32
N SER A 353 -4.34 14.76 -6.34
CA SER A 353 -4.87 16.12 -6.18
C SER A 353 -5.20 16.84 -7.49
N LEU A 354 -4.55 16.44 -8.59
CA LEU A 354 -4.74 17.14 -9.86
C LEU A 354 -6.19 17.13 -10.36
N PRO A 355 -6.90 15.99 -10.27
CA PRO A 355 -8.30 16.06 -10.70
C PRO A 355 -9.13 17.03 -9.86
N PHE A 356 -8.72 17.23 -8.60
CA PHE A 356 -9.39 18.18 -7.72
C PHE A 356 -9.02 19.61 -8.10
N VAL A 357 -7.76 19.80 -8.48
CA VAL A 357 -7.29 21.10 -8.94
C VAL A 357 -8.03 21.52 -10.21
N GLY A 358 -8.02 20.62 -11.20
CA GLY A 358 -8.69 20.89 -12.46
C GLY A 358 -10.18 21.12 -12.28
N GLU A 359 -10.77 20.48 -11.28
CA GLU A 359 -12.20 20.60 -11.03
C GLU A 359 -12.55 21.94 -10.39
N LYS A 360 -11.90 22.23 -9.26
CA LYS A 360 -12.22 23.44 -8.49
C LYS A 360 -11.83 24.72 -9.22
N VAL A 361 -10.68 24.72 -9.87
CA VAL A 361 -10.21 25.89 -10.60
C VAL A 361 -11.12 26.20 -11.79
N THR A 362 -11.52 25.16 -12.51
CA THR A 362 -12.48 25.33 -13.60
C THR A 362 -13.81 25.82 -13.06
N GLU A 363 -14.24 25.23 -11.94
CA GLU A 363 -15.50 25.57 -11.32
C GLU A 363 -15.58 27.05 -10.94
N MET A 364 -14.48 27.58 -10.41
CA MET A 364 -14.40 28.98 -10.03
C MET A 364 -14.64 29.89 -11.23
N LEU A 365 -13.96 29.59 -12.34
CA LEU A 365 -14.00 30.44 -13.52
C LEU A 365 -15.36 30.38 -14.22
N VAL A 366 -16.01 29.23 -14.18
CA VAL A 366 -17.33 29.08 -14.76
C VAL A 366 -18.32 30.00 -14.05
N ASN A 367 -18.16 30.14 -12.74
CA ASN A 367 -19.07 30.96 -11.94
C ASN A 367 -18.81 32.46 -12.07
N VAL A 368 -17.56 32.84 -12.29
CA VAL A 368 -17.24 34.26 -12.43
C VAL A 368 -17.49 34.77 -13.84
N LEU A 369 -18.00 33.90 -14.70
CA LEU A 369 -18.34 34.26 -16.06
C LEU A 369 -19.80 33.97 -16.38
N ASN A 370 -20.44 33.19 -15.51
CA ASN A 370 -21.79 32.66 -15.67
C ASN A 370 -22.74 33.46 -16.57
N SER B 6 -6.90 57.87 -25.55
CA SER B 6 -6.33 56.91 -24.61
C SER B 6 -5.54 55.83 -25.35
N TYR B 7 -4.35 55.53 -24.82
CA TYR B 7 -3.46 54.54 -25.42
C TYR B 7 -4.06 53.14 -25.36
N PRO B 8 -3.83 52.33 -26.42
CA PRO B 8 -4.37 50.98 -26.51
C PRO B 8 -3.76 50.01 -25.52
N LEU B 9 -4.51 48.97 -25.17
CA LEU B 9 -4.04 47.96 -24.24
C LEU B 9 -3.42 46.80 -25.00
N GLU B 10 -2.30 46.30 -24.49
CA GLU B 10 -1.58 45.21 -25.16
C GLU B 10 -1.69 43.90 -24.38
N MET B 11 -2.29 42.90 -25.00
CA MET B 11 -2.48 41.59 -24.36
C MET B 11 -1.97 40.46 -25.23
N CYS B 12 -2.07 39.24 -24.72
CA CYS B 12 -1.72 38.05 -25.48
C CYS B 12 -2.64 36.89 -25.11
N SER B 13 -3.67 36.66 -25.93
CA SER B 13 -4.68 35.65 -25.62
C SER B 13 -5.20 34.97 -26.88
N HIS B 14 -6.07 33.98 -26.68
CA HIS B 14 -6.64 33.22 -27.79
C HIS B 14 -7.97 33.82 -28.27
N PHE B 15 -8.42 34.87 -27.60
CA PHE B 15 -9.77 35.38 -27.81
C PHE B 15 -9.91 36.29 -29.03
N ASP B 16 -11.08 36.25 -29.64
CA ASP B 16 -11.44 37.17 -30.72
C ASP B 16 -11.85 38.52 -30.16
N ALA B 17 -12.21 39.45 -31.03
CA ALA B 17 -12.61 40.79 -30.61
C ALA B 17 -13.92 40.76 -29.82
N ASP B 18 -14.89 40.00 -30.32
CA ASP B 18 -16.20 39.93 -29.67
C ASP B 18 -16.12 39.16 -28.36
N GLU B 19 -15.13 38.27 -28.24
CA GLU B 19 -14.94 37.50 -27.03
C GLU B 19 -14.30 38.33 -25.93
N ILE B 20 -13.38 39.21 -26.33
CA ILE B 20 -12.76 40.14 -25.40
C ILE B 20 -13.80 41.16 -24.93
N LYS B 21 -14.74 41.48 -25.81
CA LYS B 21 -15.81 42.41 -25.49
C LYS B 21 -16.77 41.80 -24.46
N ARG B 22 -17.21 40.56 -24.70
CA ARG B 22 -18.09 39.87 -23.77
C ARG B 22 -17.45 39.70 -22.40
N LEU B 23 -16.16 39.35 -22.40
CA LEU B 23 -15.41 39.24 -21.16
C LEU B 23 -15.27 40.61 -20.49
N GLY B 24 -15.26 41.66 -21.30
CA GLY B 24 -15.14 43.01 -20.80
C GLY B 24 -16.37 43.43 -20.01
N LYS B 25 -17.55 43.14 -20.57
CA LYS B 25 -18.80 43.50 -19.92
C LYS B 25 -19.04 42.65 -18.68
N ARG B 26 -18.43 41.46 -18.64
CA ARG B 26 -18.52 40.59 -17.47
C ARG B 26 -17.57 41.08 -16.39
N PHE B 27 -16.44 41.66 -16.81
CA PHE B 27 -15.46 42.22 -15.89
C PHE B 27 -16.05 43.43 -15.16
N LYS B 28 -16.74 44.28 -15.90
CA LYS B 28 -17.35 45.47 -15.33
C LYS B 28 -18.44 45.10 -14.33
N LYS B 29 -19.17 44.03 -14.61
CA LYS B 29 -20.23 43.56 -13.73
C LYS B 29 -19.67 43.04 -12.41
N LEU B 30 -18.50 42.44 -12.46
CA LEU B 30 -17.85 41.91 -11.27
C LEU B 30 -17.18 43.03 -10.47
N ASP B 31 -16.81 44.10 -11.16
CA ASP B 31 -16.20 45.25 -10.50
C ASP B 31 -17.28 46.10 -9.85
N LEU B 32 -17.66 45.74 -8.64
CA LEU B 32 -18.77 46.35 -7.92
C LEU B 32 -18.54 47.84 -7.65
N ASP B 33 -17.31 48.20 -7.28
CA ASP B 33 -17.01 49.58 -6.91
C ASP B 33 -16.42 50.37 -8.08
N ASN B 34 -16.42 49.75 -9.27
CA ASN B 34 -15.90 50.37 -10.48
C ASN B 34 -14.45 50.86 -10.33
N SER B 35 -13.68 50.20 -9.47
CA SER B 35 -12.30 50.61 -9.21
C SER B 35 -11.37 50.29 -10.39
N GLY B 36 -11.87 49.50 -11.34
CA GLY B 36 -11.10 49.15 -12.51
C GLY B 36 -10.36 47.83 -12.33
N SER B 37 -10.41 47.29 -11.13
CA SER B 37 -9.74 46.03 -10.83
C SER B 37 -10.59 45.17 -9.89
N LEU B 38 -10.44 43.85 -10.01
CA LEU B 38 -11.17 42.93 -9.16
C LEU B 38 -10.37 42.61 -7.90
N SER B 39 -11.04 42.62 -6.74
CA SER B 39 -10.38 42.30 -5.49
C SER B 39 -10.79 40.93 -4.99
N VAL B 40 -10.09 40.44 -3.98
CA VAL B 40 -10.41 39.15 -3.37
C VAL B 40 -11.83 39.16 -2.82
N GLU B 41 -12.21 40.29 -2.23
CA GLU B 41 -13.55 40.47 -1.68
C GLU B 41 -14.60 40.38 -2.79
N GLU B 42 -14.30 41.00 -3.93
CA GLU B 42 -15.21 41.00 -5.06
C GLU B 42 -15.30 39.61 -5.69
N PHE B 43 -14.21 38.86 -5.63
CA PHE B 43 -14.22 37.47 -6.08
C PHE B 43 -15.06 36.61 -5.13
N MET B 44 -14.90 36.84 -3.83
CA MET B 44 -15.58 36.05 -2.82
C MET B 44 -17.06 36.45 -2.67
N SER B 45 -17.46 37.49 -3.39
CA SER B 45 -18.84 37.95 -3.36
C SER B 45 -19.77 36.93 -3.98
N LEU B 46 -19.21 36.09 -4.86
CA LEU B 46 -19.98 35.02 -5.48
C LEU B 46 -20.03 33.82 -4.55
N PRO B 47 -21.24 33.40 -4.17
CA PRO B 47 -21.46 32.30 -3.21
C PRO B 47 -20.77 31.00 -3.62
N GLU B 48 -20.62 30.77 -4.92
CA GLU B 48 -20.04 29.54 -5.43
C GLU B 48 -18.52 29.49 -5.21
N LEU B 49 -17.92 30.65 -4.92
CA LEU B 49 -16.48 30.72 -4.71
C LEU B 49 -16.12 30.68 -3.22
N GLN B 50 -17.14 30.81 -2.38
CA GLN B 50 -16.92 30.89 -0.94
C GLN B 50 -16.43 29.57 -0.34
N GLN B 51 -16.87 28.46 -0.93
CA GLN B 51 -16.48 27.14 -0.46
C GLN B 51 -15.47 26.48 -1.41
N ASN B 52 -14.66 27.30 -2.06
CA ASN B 52 -13.63 26.81 -2.97
C ASN B 52 -12.24 27.14 -2.45
N PRO B 53 -11.46 26.10 -2.12
CA PRO B 53 -10.16 26.26 -1.46
C PRO B 53 -9.00 26.64 -2.38
N LEU B 54 -9.28 26.89 -3.66
CA LEU B 54 -8.22 27.22 -4.61
C LEU B 54 -8.43 28.58 -5.27
N VAL B 55 -9.40 29.35 -4.77
CA VAL B 55 -9.68 30.68 -5.30
C VAL B 55 -8.45 31.58 -5.19
N GLN B 56 -7.82 31.57 -4.02
CA GLN B 56 -6.66 32.42 -3.77
C GLN B 56 -5.48 32.04 -4.65
N ARG B 57 -5.33 30.76 -4.95
CA ARG B 57 -4.24 30.31 -5.82
C ARG B 57 -4.43 30.82 -7.24
N VAL B 58 -5.66 30.70 -7.74
CA VAL B 58 -5.99 31.19 -9.07
C VAL B 58 -5.74 32.69 -9.18
N ILE B 59 -6.21 33.44 -8.20
CA ILE B 59 -6.05 34.89 -8.18
C ILE B 59 -4.58 35.28 -8.19
N ASP B 60 -3.77 34.62 -7.36
CA ASP B 60 -2.34 34.88 -7.30
C ASP B 60 -1.66 34.61 -8.64
N ILE B 61 -2.15 33.61 -9.37
CA ILE B 61 -1.60 33.27 -10.67
C ILE B 61 -1.97 34.32 -11.70
N PHE B 62 -3.24 34.72 -11.72
CA PHE B 62 -3.72 35.75 -12.64
C PHE B 62 -3.01 37.07 -12.37
N ASP B 63 -2.85 37.40 -11.09
CA ASP B 63 -2.17 38.61 -10.68
C ASP B 63 -0.70 38.55 -11.05
N THR B 64 -0.39 38.94 -12.29
CA THR B 64 0.96 38.82 -12.83
C THR B 64 1.87 39.97 -12.40
N ASP B 65 1.28 41.08 -11.97
CA ASP B 65 2.06 42.23 -11.52
C ASP B 65 2.29 42.18 -10.01
N GLY B 66 1.52 41.35 -9.33
CA GLY B 66 1.67 41.17 -7.89
C GLY B 66 1.24 42.38 -7.06
N ASN B 67 0.00 42.80 -7.24
CA ASN B 67 -0.54 43.93 -6.47
C ASN B 67 -1.73 43.51 -5.62
N GLY B 68 -2.11 42.24 -5.73
CA GLY B 68 -3.19 41.70 -4.91
C GLY B 68 -4.55 41.78 -5.57
N GLU B 69 -4.63 42.45 -6.71
CA GLU B 69 -5.88 42.58 -7.45
C GLU B 69 -5.70 42.21 -8.92
N VAL B 70 -6.81 41.86 -9.57
CA VAL B 70 -6.77 41.44 -10.97
C VAL B 70 -7.39 42.49 -11.88
N ASP B 71 -6.56 43.10 -12.72
CA ASP B 71 -7.07 44.09 -13.67
C ASP B 71 -7.67 43.40 -14.88
N PHE B 72 -7.97 44.16 -15.92
CA PHE B 72 -8.61 43.63 -17.11
C PHE B 72 -7.64 42.84 -17.99
N LYS B 73 -6.39 43.29 -18.06
CA LYS B 73 -5.38 42.57 -18.83
C LYS B 73 -5.11 41.20 -18.23
N GLU B 74 -4.83 41.18 -16.93
CA GLU B 74 -4.58 39.94 -16.20
C GLU B 74 -5.79 39.01 -16.29
N PHE B 75 -6.98 39.61 -16.29
CA PHE B 75 -8.23 38.87 -16.37
C PHE B 75 -8.33 38.12 -17.69
N ILE B 76 -8.04 38.80 -18.80
CA ILE B 76 -8.09 38.18 -20.11
C ILE B 76 -7.01 37.12 -20.26
N GLU B 77 -5.78 37.46 -19.92
CA GLU B 77 -4.66 36.55 -20.06
C GLU B 77 -4.77 35.35 -19.11
N GLY B 78 -5.53 35.53 -18.02
CA GLY B 78 -5.76 34.46 -17.08
C GLY B 78 -6.74 33.45 -17.64
N VAL B 79 -7.92 33.94 -18.03
CA VAL B 79 -8.98 33.11 -18.59
C VAL B 79 -8.53 32.42 -19.89
N SER B 80 -7.63 33.07 -20.62
CA SER B 80 -7.16 32.57 -21.91
C SER B 80 -6.53 31.19 -21.82
N GLN B 81 -6.01 30.85 -20.63
CA GLN B 81 -5.38 29.55 -20.41
C GLN B 81 -6.42 28.44 -20.30
N PHE B 82 -7.69 28.81 -20.31
CA PHE B 82 -8.78 27.84 -20.22
C PHE B 82 -9.65 27.85 -21.46
N SER B 83 -9.11 28.41 -22.54
CA SER B 83 -9.84 28.49 -23.80
C SER B 83 -9.82 27.14 -24.52
N VAL B 84 -10.80 26.93 -25.39
CA VAL B 84 -10.84 25.71 -26.21
C VAL B 84 -9.70 25.72 -27.21
N LYS B 85 -9.18 26.91 -27.51
CA LYS B 85 -8.17 27.09 -28.53
C LYS B 85 -6.76 27.05 -27.94
N GLY B 86 -6.67 26.69 -26.66
CA GLY B 86 -5.39 26.52 -26.00
C GLY B 86 -4.96 25.07 -26.02
N ASP B 87 -3.66 24.83 -26.10
CA ASP B 87 -3.13 23.47 -26.21
C ASP B 87 -3.12 22.75 -24.86
N LYS B 88 -2.68 21.49 -24.89
CA LYS B 88 -2.60 20.67 -23.69
C LYS B 88 -1.53 21.17 -22.74
N GLU B 89 -0.46 21.72 -23.30
CA GLU B 89 0.69 22.14 -22.50
C GLU B 89 0.37 23.27 -21.55
N GLN B 90 -0.23 24.35 -22.05
CA GLN B 90 -0.48 25.54 -21.25
C GLN B 90 -1.50 25.27 -20.15
N LYS B 91 -2.33 24.25 -20.34
CA LYS B 91 -3.32 23.88 -19.34
C LYS B 91 -2.66 23.04 -18.24
N LEU B 92 -1.66 22.24 -18.62
CA LEU B 92 -0.89 21.49 -17.65
C LEU B 92 0.06 22.42 -16.90
N ARG B 93 0.50 23.48 -17.58
CA ARG B 93 1.41 24.44 -16.96
C ARG B 93 0.69 25.27 -15.91
N PHE B 94 -0.57 25.61 -16.18
CA PHE B 94 -1.38 26.33 -15.20
C PHE B 94 -1.57 25.47 -13.96
N ALA B 95 -1.71 24.16 -14.18
CA ALA B 95 -1.83 23.21 -13.08
C ALA B 95 -0.53 23.18 -12.28
N PHE B 96 0.58 23.21 -12.98
CA PHE B 96 1.90 23.25 -12.36
C PHE B 96 2.06 24.49 -11.48
N ARG B 97 1.56 25.62 -11.98
CA ARG B 97 1.67 26.89 -11.28
C ARG B 97 0.84 26.94 -10.00
N ILE B 98 -0.18 26.10 -9.93
CA ILE B 98 -1.01 26.00 -8.73
C ILE B 98 -0.19 25.51 -7.55
N TYR B 99 0.70 24.56 -7.81
CA TYR B 99 1.57 24.03 -6.77
C TYR B 99 2.79 24.92 -6.53
N ASP B 100 3.29 25.53 -7.61
CA ASP B 100 4.48 26.37 -7.52
C ASP B 100 4.16 27.78 -7.02
N MET B 101 4.15 27.95 -5.71
CA MET B 101 3.72 29.19 -5.08
C MET B 101 4.67 30.36 -5.33
N ASP B 102 5.97 30.11 -5.19
CA ASP B 102 6.97 31.17 -5.35
C ASP B 102 7.29 31.48 -6.81
N LYS B 103 6.71 30.69 -7.71
CA LYS B 103 6.85 30.88 -9.16
C LYS B 103 8.30 30.81 -9.65
N ASP B 104 9.10 29.96 -9.01
CA ASP B 104 10.52 29.84 -9.38
C ASP B 104 10.72 28.81 -10.50
N GLY B 105 9.67 28.07 -10.82
CA GLY B 105 9.74 27.09 -11.89
C GLY B 105 9.87 25.65 -11.41
N TYR B 106 9.93 25.47 -10.11
CA TYR B 106 10.04 24.15 -9.52
C TYR B 106 9.06 23.95 -8.38
N ILE B 107 8.73 22.70 -8.08
CA ILE B 107 7.86 22.38 -6.96
C ILE B 107 8.67 21.75 -5.83
N SER B 108 8.71 22.43 -4.69
CA SER B 108 9.45 21.95 -3.53
C SER B 108 8.54 21.24 -2.53
N ASN B 109 9.14 20.69 -1.48
CA ASN B 109 8.41 19.95 -0.47
C ASN B 109 7.37 20.81 0.25
N GLY B 110 7.82 21.95 0.76
CA GLY B 110 6.95 22.87 1.49
C GLY B 110 5.79 23.37 0.66
N GLU B 111 6.06 23.70 -0.60
CA GLU B 111 5.03 24.16 -1.53
C GLU B 111 3.96 23.10 -1.72
N LEU B 112 4.40 21.89 -2.06
CA LEU B 112 3.49 20.78 -2.32
C LEU B 112 2.63 20.48 -1.10
N PHE B 113 3.20 20.62 0.09
CA PHE B 113 2.48 20.39 1.32
C PHE B 113 1.38 21.44 1.53
N GLN B 114 1.76 22.70 1.45
CA GLN B 114 0.83 23.81 1.73
C GLN B 114 -0.37 23.82 0.79
N VAL B 115 -0.12 23.59 -0.50
CA VAL B 115 -1.20 23.54 -1.47
C VAL B 115 -2.11 22.34 -1.20
N LEU B 116 -1.50 21.21 -0.83
CA LEU B 116 -2.24 20.02 -0.47
C LEU B 116 -3.07 20.25 0.79
N LYS B 117 -2.47 20.94 1.76
CA LYS B 117 -3.14 21.23 3.02
C LYS B 117 -4.39 22.08 2.79
N MET B 118 -4.33 22.97 1.81
CA MET B 118 -5.50 23.77 1.43
C MET B 118 -6.64 22.89 0.95
N MET B 119 -6.29 21.92 0.11
CA MET B 119 -7.29 21.06 -0.52
C MET B 119 -7.80 19.95 0.39
N VAL B 120 -6.97 19.49 1.30
CA VAL B 120 -7.32 18.37 2.16
C VAL B 120 -8.13 18.80 3.39
N GLY B 121 -7.66 19.84 4.07
CA GLY B 121 -8.34 20.33 5.25
C GLY B 121 -8.13 19.42 6.45
N ASN B 122 -9.21 18.82 6.94
CA ASN B 122 -9.13 17.90 8.06
C ASN B 122 -9.31 16.45 7.62
N ASN B 123 -9.16 16.19 6.33
CA ASN B 123 -9.33 14.84 5.80
C ASN B 123 -8.09 13.98 6.04
N LEU B 124 -6.99 14.62 6.40
CA LEU B 124 -5.77 13.91 6.78
C LEU B 124 -5.05 14.64 7.90
N LYS B 125 -4.17 13.92 8.60
CA LYS B 125 -3.33 14.53 9.62
C LYS B 125 -2.12 15.17 8.96
N ASP B 126 -1.55 16.18 9.61
CA ASP B 126 -0.38 16.87 9.08
C ASP B 126 0.80 15.92 8.89
N THR B 127 1.00 15.03 9.86
CA THR B 127 2.09 14.06 9.80
C THR B 127 1.91 13.10 8.62
N GLN B 128 0.69 12.63 8.43
CA GLN B 128 0.37 11.72 7.34
C GLN B 128 0.59 12.38 5.98
N LEU B 129 0.10 13.60 5.85
CA LEU B 129 0.21 14.35 4.60
C LEU B 129 1.66 14.64 4.25
N GLN B 130 2.47 14.89 5.28
CA GLN B 130 3.90 15.18 5.08
C GLN B 130 4.64 13.96 4.53
N GLN B 131 4.25 12.77 4.99
CA GLN B 131 4.88 11.54 4.56
C GLN B 131 4.66 11.26 3.08
N ILE B 132 3.42 11.40 2.62
CA ILE B 132 3.09 11.13 1.23
C ILE B 132 3.59 12.24 0.30
N VAL B 133 3.83 13.42 0.85
CA VAL B 133 4.45 14.49 0.09
C VAL B 133 5.92 14.17 -0.12
N ASP B 134 6.57 13.69 0.94
CA ASP B 134 7.97 13.30 0.89
C ASP B 134 8.20 12.21 -0.16
N LYS B 135 7.42 11.13 -0.06
CA LYS B 135 7.62 9.97 -0.92
C LYS B 135 7.26 10.25 -2.38
N THR B 136 6.34 11.19 -2.58
CA THR B 136 5.95 11.57 -3.94
C THR B 136 7.12 12.22 -4.69
N ILE B 137 7.78 13.17 -4.04
CA ILE B 137 8.90 13.88 -4.66
C ILE B 137 10.08 12.94 -4.90
N ILE B 138 10.38 12.12 -3.91
CA ILE B 138 11.47 11.13 -4.01
C ILE B 138 11.36 10.27 -5.27
N ASN B 139 10.15 9.78 -5.54
CA ASN B 139 9.93 8.88 -6.66
C ASN B 139 9.82 9.60 -8.00
N ALA B 140 9.51 10.88 -7.98
CA ALA B 140 9.32 11.64 -9.21
C ALA B 140 10.54 12.50 -9.55
N ASP B 141 11.48 12.60 -8.62
CA ASP B 141 12.67 13.43 -8.81
C ASP B 141 13.78 12.63 -9.52
N LYS B 142 13.95 12.89 -10.81
CA LYS B 142 14.89 12.12 -11.61
C LYS B 142 16.31 12.70 -11.58
N ASP B 143 16.43 14.01 -11.72
CA ASP B 143 17.75 14.65 -11.68
C ASP B 143 18.30 14.69 -10.26
N GLY B 144 17.42 14.46 -9.29
CA GLY B 144 17.82 14.33 -7.90
C GLY B 144 18.22 15.61 -7.21
N ASP B 145 17.43 16.67 -7.38
CA ASP B 145 17.72 17.95 -6.74
C ASP B 145 16.69 18.29 -5.67
N GLY B 146 15.93 17.29 -5.25
CA GLY B 146 14.98 17.45 -4.15
C GLY B 146 13.77 18.31 -4.48
N ARG B 147 13.50 18.52 -5.76
CA ARG B 147 12.37 19.33 -6.19
C ARG B 147 11.83 18.87 -7.53
N ILE B 148 10.59 19.23 -7.83
CA ILE B 148 9.92 18.74 -9.03
C ILE B 148 9.81 19.81 -10.11
N SER B 149 10.47 19.58 -11.24
CA SER B 149 10.40 20.48 -12.37
C SER B 149 9.11 20.25 -13.17
N PHE B 150 8.93 21.03 -14.23
CA PHE B 150 7.73 20.90 -15.06
C PHE B 150 7.74 19.61 -15.86
N GLU B 151 8.92 19.17 -16.26
CA GLU B 151 9.06 17.94 -17.03
C GLU B 151 8.81 16.72 -16.15
N GLU B 152 9.33 16.76 -14.93
CA GLU B 152 9.12 15.69 -13.96
C GLU B 152 7.66 15.63 -13.54
N PHE B 153 7.00 16.79 -13.57
CA PHE B 153 5.58 16.89 -13.23
C PHE B 153 4.72 16.24 -14.31
N CYS B 154 4.95 16.63 -15.55
CA CYS B 154 4.19 16.09 -16.69
C CYS B 154 4.44 14.60 -16.87
N ALA B 155 5.62 14.15 -16.47
CA ALA B 155 5.97 12.73 -16.59
C ALA B 155 5.09 11.88 -15.67
N VAL B 156 4.50 12.52 -14.67
CA VAL B 156 3.69 11.79 -13.69
C VAL B 156 2.20 11.86 -14.01
N VAL B 157 1.73 13.04 -14.42
CA VAL B 157 0.29 13.25 -14.58
C VAL B 157 -0.14 13.50 -16.03
N GLY B 158 0.81 13.55 -16.94
CA GLY B 158 0.54 13.88 -18.33
C GLY B 158 -0.26 12.87 -19.12
N GLY B 159 -0.79 11.86 -18.44
CA GLY B 159 -1.60 10.86 -19.09
C GLY B 159 -2.95 10.70 -18.42
N LEU B 160 -3.26 11.62 -17.52
CA LEU B 160 -4.53 11.61 -16.81
C LEU B 160 -5.61 12.34 -17.59
N ASP B 161 -5.20 13.03 -18.66
CA ASP B 161 -6.11 13.78 -19.52
C ASP B 161 -7.02 14.73 -18.74
N ILE B 162 -6.42 15.58 -17.92
CA ILE B 162 -7.18 16.52 -17.10
C ILE B 162 -7.26 17.87 -17.80
N HIS B 163 -6.39 18.06 -18.79
CA HIS B 163 -6.47 19.25 -19.64
C HIS B 163 -7.79 19.27 -20.41
N LYS B 164 -8.39 18.09 -20.56
CA LYS B 164 -9.71 17.97 -21.17
C LYS B 164 -10.78 18.67 -20.33
N LYS B 165 -10.67 18.53 -19.02
CA LYS B 165 -11.66 19.09 -18.11
C LYS B 165 -11.17 20.41 -17.50
N MET B 166 -10.37 21.13 -18.26
CA MET B 166 -9.93 22.47 -17.88
C MET B 166 -10.27 23.45 -18.99
N VAL B 167 -11.55 23.50 -19.33
CA VAL B 167 -12.02 24.31 -20.45
C VAL B 167 -13.28 25.08 -20.06
N VAL B 168 -13.27 26.39 -20.29
CA VAL B 168 -14.43 27.23 -20.00
C VAL B 168 -14.94 27.91 -21.27
N ASP B 169 -16.24 28.24 -21.26
CA ASP B 169 -16.85 28.92 -22.39
C ASP B 169 -16.91 30.42 -22.13
N VAL B 170 -16.47 31.21 -23.11
CA VAL B 170 -16.49 32.66 -23.00
C VAL B 170 -17.54 33.27 -23.93
N ASP C 2 -18.22 17.65 0.27
CA ASP C 2 -17.53 17.60 -1.01
C ASP C 2 -16.86 18.94 -1.33
N GLN C 3 -16.39 19.62 -0.28
CA GLN C 3 -15.70 20.90 -0.44
C GLN C 3 -14.19 20.69 -0.52
N TYR C 4 -13.68 19.77 0.29
CA TYR C 4 -12.24 19.48 0.32
C TYR C 4 -11.91 18.18 -0.41
N LEU C 5 -10.63 17.99 -0.73
CA LEU C 5 -10.17 16.79 -1.40
C LEU C 5 -10.28 15.58 -0.48
N ALA C 6 -10.96 14.54 -0.96
CA ALA C 6 -11.22 13.36 -0.14
C ALA C 6 -10.26 12.21 -0.44
N VAL C 7 -9.90 11.47 0.60
CA VAL C 7 -9.06 10.29 0.44
C VAL C 7 -9.86 9.17 -0.21
N PRO C 8 -9.35 8.60 -1.32
CA PRO C 8 -10.06 7.53 -2.02
C PRO C 8 -9.83 6.17 -1.37
#